data_4UQZ
#
_entry.id   4UQZ
#
_cell.length_a   52.112
_cell.length_b   67.323
_cell.length_c   94.025
_cell.angle_alpha   90.00
_cell.angle_beta   90.00
_cell.angle_gamma   90.00
#
_symmetry.space_group_name_H-M   'P 21 21 21'
#
loop_
_entity.id
_entity.type
_entity.pdbx_description
1 polymer HSIE1
2 polymer HSIB1
3 non-polymer 'ACETATE ION'
4 water water
#
loop_
_entity_poly.entity_id
_entity_poly.type
_entity_poly.pdbx_seq_one_letter_code
_entity_poly.pdbx_strand_id
1 'polypeptide(L)'
;MIAEELLRAGRLDDALKALQEQVRSQPSNATLRIFLFQLLAVMGQWARAQNQLKVVGELDASALPMVQTYSTAIDCEALR
REVFAGRLTPVILGQPAEWIAPLLQALSLDAEGHGEAAQALREQAFDAAPAVPGRIGEAPFAWLADADTRLGPVLEVIVN
GRYAWLPMSNLRSLKVEAPSDLRDLVWLPAELTLANGGATVALLPARYAETVEHGDDAARLGRKTEWLDSGLPVGQRLFV
TDAGETALFDLRELDFEPTDA
;
A
2 'polypeptide(L)'
;MGSTTSSQKFIARNRAPRVQIEYDVELYGAEKKVQLPFVMGVMADLAGKPAEPQAAVADRKFLEIDVDNFDARLKAMKPR
VAFNVPNVLTGEGNLSLDITFESMDDFSPAAVARKVDSLNKLLEARTQLANLLTYMDGKTGAEEMIMKAIKDPALLQALA
SAPKPKDDEPQA
;
B
#
# COMPACT_ATOMS: atom_id res chain seq x y z
N ILE A 2 12.21 -21.49 13.52
CA ILE A 2 12.99 -20.42 14.14
C ILE A 2 12.86 -19.09 13.39
N ALA A 3 13.03 -19.08 12.06
CA ALA A 3 12.81 -17.84 11.30
C ALA A 3 11.36 -17.37 11.45
N GLU A 4 10.43 -18.32 11.44
CA GLU A 4 9.01 -18.02 11.64
C GLU A 4 8.79 -17.27 12.92
N GLU A 5 9.45 -17.72 13.97
CA GLU A 5 9.23 -17.12 15.27
C GLU A 5 9.91 -15.77 15.38
N LEU A 6 10.99 -15.59 14.62
CA LEU A 6 11.71 -14.33 14.59
C LEU A 6 10.85 -13.29 13.86
N LEU A 7 10.19 -13.72 12.81
CA LEU A 7 9.23 -12.87 12.09
C LEU A 7 8.11 -12.44 13.00
N ARG A 8 7.52 -13.41 13.70
CA ARG A 8 6.44 -13.12 14.62
C ARG A 8 6.86 -12.06 15.66
N ALA A 9 8.12 -12.12 16.10
CA ALA A 9 8.66 -11.15 17.05
C ALA A 9 9.05 -9.82 16.40
N GLY A 10 8.86 -9.72 15.09
CA GLY A 10 9.20 -8.52 14.36
C GLY A 10 10.69 -8.31 14.14
N ARG A 11 11.47 -9.38 14.31
CA ARG A 11 12.92 -9.25 14.17
C ARG A 11 13.32 -9.62 12.75
N LEU A 12 13.17 -8.67 11.84
CA LEU A 12 13.32 -8.97 10.41
C LEU A 12 14.71 -9.39 9.99
N ASP A 13 15.74 -8.65 10.42
CA ASP A 13 17.12 -9.00 10.07
C ASP A 13 17.44 -10.42 10.53
N ASP A 14 17.01 -10.72 11.75
CA ASP A 14 17.35 -12.01 12.33
C ASP A 14 16.61 -13.11 11.62
N ALA A 15 15.37 -12.81 11.25
CA ALA A 15 14.55 -13.77 10.53
C ALA A 15 15.17 -14.05 9.17
N LEU A 16 15.63 -13.00 8.49
CA LEU A 16 16.19 -13.17 7.17
C LEU A 16 17.47 -14.02 7.22
N LYS A 17 18.37 -13.71 8.16
CA LYS A 17 19.59 -14.48 8.33
C LYS A 17 19.25 -15.95 8.51
N ALA A 18 18.28 -16.23 9.37
CA ALA A 18 17.92 -17.60 9.67
C ALA A 18 17.32 -18.31 8.46
N LEU A 19 16.49 -17.59 7.72
CA LEU A 19 15.78 -18.17 6.58
C LEU A 19 16.74 -18.46 5.43
N GLN A 20 17.65 -17.52 5.16
CA GLN A 20 18.70 -17.76 4.17
C GLN A 20 19.52 -18.99 4.48
N GLU A 21 19.80 -19.27 5.76
CA GLU A 21 20.56 -20.46 6.07
C GLU A 21 19.72 -21.70 5.77
N GLN A 22 18.41 -21.61 6.01
CA GLN A 22 17.52 -22.71 5.67
C GLN A 22 17.52 -23.00 4.17
N VAL A 23 17.46 -21.95 3.38
CA VAL A 23 17.42 -22.07 1.93
C VAL A 23 18.73 -22.65 1.43
N ARG A 24 19.84 -22.26 2.04
CA ARG A 24 21.13 -22.74 1.62
C ARG A 24 21.22 -24.25 1.84
N SER A 25 20.66 -24.67 2.96
CA SER A 25 20.61 -26.07 3.35
C SER A 25 19.72 -26.94 2.47
N GLN A 26 18.59 -26.37 2.03
CA GLN A 26 17.64 -27.05 1.15
C GLN A 26 17.33 -26.18 -0.05
N PRO A 27 18.31 -25.99 -0.96
CA PRO A 27 18.10 -25.00 -2.04
C PRO A 27 17.00 -25.29 -3.08
N SER A 28 16.47 -26.50 -3.14
CA SER A 28 15.40 -26.84 -4.08
C SER A 28 14.01 -26.78 -3.46
N ASN A 29 13.94 -26.43 -2.18
CA ASN A 29 12.66 -26.28 -1.48
C ASN A 29 11.97 -24.97 -1.86
N ALA A 30 10.95 -25.09 -2.70
CA ALA A 30 10.24 -23.92 -3.21
C ALA A 30 9.55 -23.16 -2.10
N THR A 31 9.09 -23.86 -1.07
CA THR A 31 8.29 -23.16 -0.05
C THR A 31 9.17 -22.22 0.76
N LEU A 32 10.41 -22.59 1.01
CA LEU A 32 11.31 -21.70 1.73
C LEU A 32 11.57 -20.47 0.91
N ARG A 33 11.62 -20.62 -0.42
CA ARG A 33 11.90 -19.47 -1.27
C ARG A 33 10.68 -18.59 -1.42
N ILE A 34 9.50 -19.17 -1.29
CA ILE A 34 8.26 -18.39 -1.22
C ILE A 34 8.24 -17.52 0.05
N PHE A 35 8.58 -18.13 1.19
CA PHE A 35 8.73 -17.36 2.43
C PHE A 35 9.77 -16.24 2.17
N LEU A 36 10.93 -16.59 1.60
CA LEU A 36 12.02 -15.65 1.48
C LEU A 36 11.66 -14.45 0.56
N PHE A 37 10.99 -14.74 -0.55
CA PHE A 37 10.58 -13.65 -1.43
C PHE A 37 9.68 -12.68 -0.66
N GLN A 38 8.76 -13.22 0.12
CA GLN A 38 7.78 -12.38 0.82
C GLN A 38 8.50 -11.59 1.91
N LEU A 39 9.45 -12.23 2.58
CA LEU A 39 10.19 -11.53 3.62
C LEU A 39 11.05 -10.43 3.07
N LEU A 40 11.72 -10.70 1.95
CA LEU A 40 12.50 -9.66 1.27
C LEU A 40 11.58 -8.49 0.83
N ALA A 41 10.37 -8.78 0.36
CA ALA A 41 9.41 -7.75 -0.02
C ALA A 41 9.07 -6.86 1.20
N VAL A 42 8.76 -7.50 2.33
CA VAL A 42 8.51 -6.72 3.56
C VAL A 42 9.71 -5.81 3.91
N MET A 43 10.92 -6.35 3.75
CA MET A 43 12.13 -5.57 4.04
C MET A 43 12.50 -4.57 2.94
N GLY A 44 11.80 -4.61 1.82
CA GLY A 44 12.03 -3.67 0.73
C GLY A 44 13.26 -3.95 -0.10
N GLN A 45 13.78 -5.17 0.01
CA GLN A 45 14.90 -5.59 -0.81
C GLN A 45 14.37 -6.11 -2.13
N TRP A 46 13.97 -5.19 -3.01
CA TRP A 46 13.17 -5.51 -4.19
C TRP A 46 13.85 -6.44 -5.19
N ALA A 47 15.09 -6.15 -5.56
CA ALA A 47 15.81 -6.96 -6.55
C ALA A 47 15.97 -8.40 -6.02
N ARG A 48 16.31 -8.52 -4.74
CA ARG A 48 16.50 -9.83 -4.16
C ARG A 48 15.20 -10.60 -4.07
N ALA A 49 14.09 -9.90 -3.77
CA ALA A 49 12.79 -10.56 -3.76
C ALA A 49 12.47 -11.06 -5.16
N GLN A 50 12.70 -10.22 -6.16
CA GLN A 50 12.48 -10.64 -7.53
C GLN A 50 13.34 -11.85 -7.92
N ASN A 51 14.60 -11.88 -7.47
CA ASN A 51 15.50 -13.02 -7.73
C ASN A 51 14.87 -14.32 -7.20
N GLN A 52 14.33 -14.26 -5.99
CA GLN A 52 13.74 -15.47 -5.42
C GLN A 52 12.49 -15.90 -6.17
N LEU A 53 11.63 -14.93 -6.56
CA LEU A 53 10.51 -15.29 -7.43
C LEU A 53 10.93 -16.03 -8.68
N LYS A 54 11.97 -15.56 -9.36
CA LYS A 54 12.42 -16.26 -10.55
C LYS A 54 12.77 -17.70 -10.21
N VAL A 55 13.44 -17.92 -9.08
CA VAL A 55 13.87 -19.27 -8.76
C VAL A 55 12.64 -20.10 -8.40
N VAL A 56 11.71 -19.51 -7.64
CA VAL A 56 10.47 -20.19 -7.35
C VAL A 56 9.78 -20.66 -8.64
N GLY A 57 9.74 -19.77 -9.65
CA GLY A 57 9.13 -20.10 -10.92
C GLY A 57 9.75 -21.31 -11.57
N GLU A 58 11.06 -21.45 -11.41
CA GLU A 58 11.81 -22.50 -12.08
C GLU A 58 11.69 -23.82 -11.35
N LEU A 59 11.51 -23.75 -10.03
CA LEU A 59 11.36 -24.94 -9.21
C LEU A 59 9.95 -25.48 -9.22
N ASP A 60 8.99 -24.57 -9.22
CA ASP A 60 7.58 -24.93 -9.10
C ASP A 60 6.78 -24.15 -10.13
N ALA A 61 6.53 -24.78 -11.27
CA ALA A 61 5.89 -24.11 -12.40
C ALA A 61 4.45 -23.70 -12.09
N SER A 62 3.86 -24.29 -11.07
CA SER A 62 2.49 -23.95 -10.75
C SER A 62 2.43 -22.58 -10.10
N ALA A 63 3.55 -22.16 -9.50
CA ALA A 63 3.65 -20.85 -8.85
C ALA A 63 3.87 -19.69 -9.83
N LEU A 64 3.96 -20.00 -11.12
CA LEU A 64 4.27 -18.99 -12.14
C LEU A 64 3.28 -17.81 -12.26
N PRO A 65 1.97 -18.07 -12.05
CA PRO A 65 1.12 -16.87 -12.08
C PRO A 65 1.41 -15.94 -10.90
N MET A 66 1.63 -16.48 -9.70
CA MET A 66 2.10 -15.61 -8.61
C MET A 66 3.39 -14.89 -8.99
N VAL A 67 4.32 -15.60 -9.63
CA VAL A 67 5.59 -14.98 -9.99
C VAL A 67 5.39 -13.78 -10.90
N GLN A 68 4.52 -13.92 -11.89
CA GLN A 68 4.24 -12.83 -12.81
C GLN A 68 3.59 -11.65 -12.09
N THR A 69 2.54 -11.96 -11.31
CA THR A 69 1.83 -10.92 -10.56
C THR A 69 2.77 -10.15 -9.65
N TYR A 70 3.60 -10.87 -8.87
CA TYR A 70 4.31 -10.14 -7.85
C TYR A 70 5.64 -9.59 -8.32
N SER A 71 6.19 -10.11 -9.42
N SER A 71 6.24 -10.18 -9.36
CA SER A 71 7.40 -9.47 -9.90
CA SER A 71 7.50 -9.63 -9.86
C SER A 71 7.02 -8.08 -10.46
C SER A 71 7.20 -8.23 -10.41
N THR A 72 5.90 -7.99 -11.16
N THR A 72 6.04 -8.13 -11.05
CA THR A 72 5.44 -6.69 -11.66
CA THR A 72 5.54 -6.87 -11.57
C THR A 72 4.92 -5.79 -10.52
C THR A 72 5.15 -5.91 -10.45
N ALA A 73 4.40 -6.37 -9.44
CA ALA A 73 4.09 -5.56 -8.24
C ALA A 73 5.33 -4.94 -7.60
N ILE A 74 6.41 -5.72 -7.56
CA ILE A 74 7.64 -5.17 -7.03
C ILE A 74 8.15 -4.04 -7.94
N ASP A 75 8.03 -4.19 -9.27
CA ASP A 75 8.45 -3.09 -10.15
C ASP A 75 7.66 -1.82 -9.83
N CYS A 76 6.36 -1.99 -9.57
CA CYS A 76 5.48 -0.87 -9.24
C CYS A 76 5.90 -0.21 -7.92
N GLU A 77 6.28 -1.00 -6.92
CA GLU A 77 6.76 -0.38 -5.65
C GLU A 77 7.90 0.64 -5.82
N ALA A 78 8.76 0.47 -6.83
CA ALA A 78 9.80 1.48 -7.16
C ALA A 78 9.26 2.74 -7.83
N LEU A 79 8.21 2.59 -8.61
CA LEU A 79 7.62 3.76 -9.18
C LEU A 79 7.12 4.61 -8.01
N ARG A 80 6.75 3.99 -6.88
CA ARG A 80 6.10 4.74 -5.78
C ARG A 80 7.03 5.78 -5.20
N ARG A 81 8.25 5.37 -4.87
CA ARG A 81 9.28 6.28 -4.39
C ARG A 81 9.42 7.49 -5.32
N GLU A 82 9.49 7.21 -6.62
CA GLU A 82 9.66 8.27 -7.60
C GLU A 82 8.42 9.14 -7.67
N VAL A 83 7.25 8.52 -7.53
CA VAL A 83 6.01 9.31 -7.60
C VAL A 83 5.96 10.27 -6.43
N PHE A 84 6.26 9.77 -5.23
CA PHE A 84 6.11 10.66 -4.08
C PHE A 84 7.27 11.65 -3.96
N ALA A 85 8.36 11.39 -4.69
CA ALA A 85 9.48 12.32 -4.75
C ALA A 85 9.25 13.39 -5.81
N GLY A 86 8.12 13.31 -6.51
CA GLY A 86 7.78 14.27 -7.55
C GLY A 86 8.50 14.07 -8.88
N ARG A 87 9.07 12.89 -9.10
CA ARG A 87 9.91 12.65 -10.27
C ARG A 87 9.23 11.85 -11.36
N LEU A 88 8.09 11.27 -11.02
CA LEU A 88 7.35 10.39 -11.91
C LEU A 88 5.86 10.74 -11.81
N THR A 89 5.18 10.86 -12.95
CA THR A 89 3.72 11.08 -12.96
C THR A 89 2.95 9.75 -13.02
N PRO A 90 2.10 9.49 -12.03
CA PRO A 90 1.25 8.29 -12.08
C PRO A 90 0.10 8.45 -13.06
N VAL A 91 -0.31 7.37 -13.70
CA VAL A 91 -1.52 7.49 -14.50
C VAL A 91 -2.73 7.46 -13.56
N ILE A 92 -3.83 7.95 -14.08
CA ILE A 92 -5.08 8.07 -13.36
C ILE A 92 -6.10 7.16 -14.04
N LEU A 93 -6.77 6.30 -13.27
CA LEU A 93 -7.76 5.39 -13.83
C LEU A 93 -9.15 5.98 -13.76
N GLY A 94 -9.98 5.73 -14.78
CA GLY A 94 -11.34 6.26 -14.83
C GLY A 94 -11.43 7.72 -15.22
N GLN A 95 -12.54 8.39 -14.92
CA GLN A 95 -12.73 9.77 -15.34
C GLN A 95 -11.62 10.66 -14.78
N PRO A 96 -11.03 11.51 -15.63
CA PRO A 96 -10.05 12.48 -15.12
C PRO A 96 -10.68 13.38 -14.06
N ALA A 97 -9.91 13.66 -13.02
CA ALA A 97 -10.30 14.56 -11.96
C ALA A 97 -9.37 15.77 -11.98
N GLU A 98 -9.94 16.92 -12.26
CA GLU A 98 -9.18 18.15 -12.41
C GLU A 98 -8.25 18.43 -11.23
N TRP A 99 -8.70 18.07 -10.03
CA TRP A 99 -7.99 18.42 -8.80
C TRP A 99 -6.80 17.50 -8.52
N ILE A 100 -6.61 16.48 -9.35
CA ILE A 100 -5.41 15.68 -9.20
C ILE A 100 -4.19 16.48 -9.62
N ALA A 101 -4.38 17.38 -10.59
CA ALA A 101 -3.24 18.10 -11.14
C ALA A 101 -2.50 18.90 -10.06
N PRO A 102 -3.24 19.69 -9.24
CA PRO A 102 -2.49 20.36 -8.16
C PRO A 102 -1.85 19.42 -7.14
N LEU A 103 -2.47 18.27 -6.87
CA LEU A 103 -1.83 17.28 -5.98
C LEU A 103 -0.51 16.84 -6.54
N LEU A 104 -0.45 16.62 -7.85
CA LEU A 104 0.77 16.14 -8.45
C LEU A 104 1.80 17.25 -8.51
N GLN A 105 1.35 18.46 -8.79
CA GLN A 105 2.28 19.57 -8.79
C GLN A 105 2.83 19.83 -7.41
N ALA A 106 2.01 19.62 -6.38
CA ALA A 106 2.51 19.81 -5.01
C ALA A 106 3.68 18.85 -4.72
N LEU A 107 3.63 17.62 -5.23
CA LEU A 107 4.71 16.68 -4.98
C LEU A 107 6.01 17.19 -5.61
N SER A 108 5.93 17.79 -6.79
N SER A 108 5.89 17.74 -6.82
CA SER A 108 7.14 18.27 -7.42
CA SER A 108 7.02 18.35 -7.50
C SER A 108 7.63 19.58 -6.79
C SER A 108 7.59 19.51 -6.69
N LEU A 109 6.71 20.38 -6.22
CA LEU A 109 7.12 21.59 -5.53
C LEU A 109 7.79 21.27 -4.20
N ASP A 110 7.26 20.29 -3.47
CA ASP A 110 7.94 19.81 -2.25
C ASP A 110 9.37 19.40 -2.53
N ALA A 111 9.56 18.66 -3.63
CA ALA A 111 10.87 18.14 -3.97
C ALA A 111 11.87 19.26 -4.30
N GLU A 112 11.35 20.42 -4.71
CA GLU A 112 12.20 21.56 -5.03
C GLU A 112 12.33 22.51 -3.85
N GLY A 113 11.69 22.18 -2.74
CA GLY A 113 11.82 22.97 -1.53
C GLY A 113 10.84 24.12 -1.41
N HIS A 114 9.82 24.12 -2.27
CA HIS A 114 8.76 25.11 -2.18
C HIS A 114 7.58 24.55 -1.42
N GLY A 115 7.79 24.22 -0.15
CA GLY A 115 6.74 23.62 0.64
C GLY A 115 5.50 24.50 0.87
N GLU A 116 5.67 25.82 0.96
CA GLU A 116 4.52 26.71 1.11
C GLU A 116 3.61 26.64 -0.12
N ALA A 117 4.20 26.73 -1.30
CA ALA A 117 3.42 26.68 -2.54
C ALA A 117 2.77 25.30 -2.69
N ALA A 118 3.48 24.26 -2.27
CA ALA A 118 2.91 22.93 -2.33
C ALA A 118 1.67 22.84 -1.43
N GLN A 119 1.74 23.43 -0.24
CA GLN A 119 0.62 23.32 0.70
C GLN A 119 -0.55 24.09 0.14
N ALA A 120 -0.28 25.22 -0.48
CA ALA A 120 -1.33 26.01 -1.12
C ALA A 120 -2.03 25.19 -2.22
N LEU A 121 -1.28 24.45 -3.06
CA LEU A 121 -1.91 23.63 -4.08
C LEU A 121 -2.75 22.49 -3.48
N ARG A 122 -2.25 21.85 -2.42
CA ARG A 122 -3.00 20.76 -1.78
C ARG A 122 -4.28 21.27 -1.15
N GLU A 123 -4.22 22.48 -0.61
CA GLU A 123 -5.42 23.05 -0.02
C GLU A 123 -6.44 23.26 -1.11
N GLN A 124 -5.99 23.76 -2.26
CA GLN A 124 -6.89 23.95 -3.38
C GLN A 124 -7.44 22.63 -3.93
N ALA A 125 -6.58 21.61 -3.97
CA ALA A 125 -7.02 20.31 -4.44
C ALA A 125 -8.07 19.73 -3.52
N PHE A 126 -7.79 19.77 -2.23
CA PHE A 126 -8.75 19.28 -1.23
C PHE A 126 -10.09 20.02 -1.29
N ASP A 127 -10.03 21.34 -1.43
CA ASP A 127 -11.24 22.15 -1.58
C ASP A 127 -12.08 21.67 -2.75
N ALA A 128 -11.42 21.40 -3.86
CA ALA A 128 -12.10 21.03 -5.08
C ALA A 128 -12.61 19.59 -5.07
N ALA A 129 -11.89 18.68 -4.41
CA ALA A 129 -12.27 17.26 -4.38
C ALA A 129 -13.60 17.13 -3.63
N PRO A 130 -14.55 16.35 -4.18
CA PRO A 130 -15.89 16.27 -3.60
C PRO A 130 -15.96 15.40 -2.32
N ALA A 131 -16.66 15.88 -1.30
CA ALA A 131 -16.94 15.02 -0.17
C ALA A 131 -18.05 14.08 -0.64
N VAL A 132 -17.78 12.78 -0.62
CA VAL A 132 -18.80 11.81 -0.98
C VAL A 132 -19.13 10.96 0.20
N PRO A 133 -20.41 10.91 0.59
CA PRO A 133 -20.76 10.11 1.75
C PRO A 133 -20.76 8.63 1.41
N GLY A 134 -20.79 7.80 2.44
CA GLY A 134 -20.85 6.37 2.23
C GLY A 134 -20.84 5.63 3.56
N ARG A 135 -20.30 4.43 3.54
CA ARG A 135 -20.34 3.50 4.66
C ARG A 135 -19.06 2.70 4.68
N ILE A 136 -18.54 2.45 5.88
CA ILE A 136 -17.55 1.41 6.10
C ILE A 136 -18.27 0.33 6.85
N GLY A 137 -18.52 -0.79 6.18
CA GLY A 137 -19.50 -1.74 6.69
C GLY A 137 -20.84 -1.03 6.87
N GLU A 138 -21.38 -1.02 8.09
CA GLU A 138 -22.62 -0.30 8.36
C GLU A 138 -22.40 1.12 8.90
N ALA A 139 -21.16 1.49 9.18
CA ALA A 139 -20.91 2.80 9.80
C ALA A 139 -20.84 3.91 8.75
N PRO A 140 -21.76 4.87 8.81
CA PRO A 140 -21.75 5.93 7.79
C PRO A 140 -20.62 6.93 7.99
N PHE A 141 -20.27 7.62 6.91
CA PHE A 141 -19.33 8.74 6.97
C PHE A 141 -19.80 9.79 6.00
N ALA A 142 -19.43 11.03 6.28
CA ALA A 142 -19.73 12.15 5.37
C ALA A 142 -18.61 12.36 4.34
N TRP A 143 -17.40 11.99 4.71
CA TRP A 143 -16.29 12.02 3.78
C TRP A 143 -15.24 11.05 4.24
N LEU A 144 -14.38 10.67 3.30
CA LEU A 144 -13.31 9.75 3.63
C LEU A 144 -12.06 10.09 2.83
N ALA A 145 -10.90 9.92 3.43
CA ALA A 145 -9.64 10.16 2.71
C ALA A 145 -8.54 9.33 3.32
N ASP A 146 -7.42 9.26 2.62
CA ASP A 146 -6.22 8.69 3.22
C ASP A 146 -5.69 9.67 4.23
N ALA A 147 -5.15 9.17 5.35
CA ALA A 147 -4.53 10.05 6.32
C ALA A 147 -3.31 10.78 5.77
N ASP A 148 -2.75 10.26 4.67
CA ASP A 148 -1.63 10.89 3.97
C ASP A 148 -2.14 12.09 3.19
N THR A 149 -1.77 13.28 3.64
CA THR A 149 -2.24 14.52 3.01
C THR A 149 -1.70 14.67 1.60
N ARG A 150 -0.69 13.91 1.22
CA ARG A 150 -0.22 14.00 -0.17
C ARG A 150 -1.21 13.35 -1.13
N LEU A 151 -2.09 12.50 -0.60
CA LEU A 151 -3.11 11.79 -1.38
C LEU A 151 -4.52 12.31 -1.13
N GLY A 152 -4.87 12.55 0.13
CA GLY A 152 -6.26 12.89 0.41
C GLY A 152 -7.19 11.78 -0.10
N PRO A 153 -8.24 12.14 -0.84
CA PRO A 153 -9.27 11.18 -1.27
C PRO A 153 -8.86 10.48 -2.57
N VAL A 154 -7.71 9.80 -2.54
CA VAL A 154 -7.14 9.08 -3.68
C VAL A 154 -6.65 7.76 -3.17
N LEU A 155 -6.87 6.70 -3.96
CA LEU A 155 -6.39 5.34 -3.64
C LEU A 155 -5.25 4.93 -4.57
N GLU A 156 -4.12 4.54 -4.01
CA GLU A 156 -3.02 3.96 -4.85
C GLU A 156 -3.40 2.52 -5.19
N VAL A 157 -3.23 2.13 -6.47
CA VAL A 157 -3.61 0.80 -6.87
C VAL A 157 -2.57 0.25 -7.82
N ILE A 158 -2.50 -1.08 -7.84
CA ILE A 158 -1.86 -1.79 -8.92
C ILE A 158 -2.92 -2.63 -9.61
N VAL A 159 -3.15 -2.35 -10.89
CA VAL A 159 -4.22 -2.98 -11.66
C VAL A 159 -3.59 -3.45 -12.95
N ASN A 160 -3.84 -4.71 -13.28
CA ASN A 160 -3.32 -5.34 -14.49
C ASN A 160 -1.84 -4.95 -14.73
N GLY A 161 -1.05 -5.09 -13.66
CA GLY A 161 0.38 -4.96 -13.80
C GLY A 161 0.88 -3.53 -13.86
N ARG A 162 0.01 -2.55 -13.56
CA ARG A 162 0.44 -1.15 -13.67
C ARG A 162 0.00 -0.34 -12.42
N TYR A 163 0.92 0.47 -11.90
CA TYR A 163 0.64 1.39 -10.79
C TYR A 163 -0.19 2.54 -11.29
N ALA A 164 -1.15 2.97 -10.48
CA ALA A 164 -2.03 4.09 -10.85
C ALA A 164 -2.58 4.73 -9.61
N TRP A 165 -3.07 5.96 -9.78
CA TRP A 165 -3.91 6.57 -8.77
C TRP A 165 -5.36 6.46 -9.21
N LEU A 166 -6.23 6.12 -8.26
CA LEU A 166 -7.66 6.11 -8.51
C LEU A 166 -8.33 7.10 -7.58
N PRO A 167 -8.81 8.20 -8.11
CA PRO A 167 -9.56 9.15 -7.28
C PRO A 167 -10.68 8.40 -6.59
N MET A 168 -10.91 8.67 -5.31
CA MET A 168 -11.94 7.92 -4.66
C MET A 168 -13.31 8.23 -5.23
N SER A 169 -13.49 9.43 -5.80
CA SER A 169 -14.78 9.79 -6.42
C SER A 169 -15.05 8.94 -7.67
N ASN A 170 -14.03 8.23 -8.15
CA ASN A 170 -14.21 7.32 -9.26
C ASN A 170 -14.56 5.94 -8.75
N LEU A 171 -14.63 5.79 -7.42
CA LEU A 171 -14.88 4.48 -6.85
C LEU A 171 -16.30 4.35 -6.36
N ARG A 172 -16.94 3.21 -6.62
CA ARG A 172 -18.25 2.92 -6.07
C ARG A 172 -18.14 2.05 -4.81
N SER A 173 -17.36 0.99 -4.93
CA SER A 173 -17.15 0.11 -3.78
C SER A 173 -15.81 -0.58 -3.77
N LEU A 174 -15.40 -1.03 -2.58
CA LEU A 174 -14.13 -1.71 -2.42
C LEU A 174 -14.42 -2.87 -1.45
N LYS A 175 -13.91 -4.05 -1.75
CA LYS A 175 -13.98 -5.17 -0.83
C LYS A 175 -12.62 -5.80 -0.61
N VAL A 176 -12.19 -5.95 0.66
CA VAL A 176 -10.92 -6.54 0.99
C VAL A 176 -11.10 -7.47 2.16
N GLU A 177 -10.19 -8.42 2.30
CA GLU A 177 -10.24 -9.36 3.41
C GLU A 177 -9.02 -9.08 4.29
N ALA A 178 -8.97 -9.68 5.48
CA ALA A 178 -7.75 -9.52 6.25
C ALA A 178 -6.54 -10.05 5.48
N PRO A 179 -5.36 -9.50 5.79
CA PRO A 179 -4.20 -10.12 5.15
C PRO A 179 -4.05 -11.58 5.60
N SER A 180 -3.72 -12.42 4.63
CA SER A 180 -3.70 -13.86 4.73
C SER A 180 -2.30 -14.41 4.60
N ASP A 181 -1.55 -13.84 3.66
CA ASP A 181 -0.15 -14.27 3.34
C ASP A 181 0.78 -13.12 3.70
N LEU A 182 2.04 -13.43 3.90
CA LEU A 182 2.99 -12.39 4.27
C LEU A 182 3.06 -11.25 3.22
N ARG A 183 2.88 -11.58 1.93
CA ARG A 183 2.98 -10.57 0.86
C ARG A 183 1.81 -9.61 0.98
N ASP A 184 0.75 -10.04 1.67
CA ASP A 184 -0.46 -9.20 1.79
C ASP A 184 -0.17 -7.98 2.69
N LEU A 185 0.85 -8.06 3.54
CA LEU A 185 1.24 -6.87 4.33
C LEU A 185 1.84 -5.76 3.49
N VAL A 186 2.29 -6.12 2.27
CA VAL A 186 2.87 -5.16 1.38
C VAL A 186 1.85 -4.73 0.34
N TRP A 187 1.12 -5.71 -0.18
CA TRP A 187 0.05 -5.44 -1.19
C TRP A 187 -1.21 -6.15 -0.83
N LEU A 188 -2.25 -5.42 -0.43
CA LEU A 188 -3.46 -6.10 0.04
C LEU A 188 -4.36 -6.32 -1.15
N PRO A 189 -4.77 -7.57 -1.41
CA PRO A 189 -5.67 -7.83 -2.55
C PRO A 189 -7.03 -7.13 -2.34
N ALA A 190 -7.65 -6.63 -3.41
CA ALA A 190 -8.89 -5.88 -3.29
C ALA A 190 -9.76 -6.16 -4.50
N GLU A 191 -11.07 -6.14 -4.33
CA GLU A 191 -11.99 -6.09 -5.45
C GLU A 191 -12.55 -4.70 -5.50
N LEU A 192 -12.39 -4.02 -6.64
CA LEU A 192 -12.88 -2.65 -6.81
C LEU A 192 -14.06 -2.58 -7.77
N THR A 193 -15.05 -1.77 -7.40
CA THR A 193 -16.11 -1.46 -8.35
C THR A 193 -16.12 0.03 -8.60
N LEU A 194 -16.04 0.40 -9.87
CA LEU A 194 -15.90 1.79 -10.25
C LEU A 194 -17.24 2.44 -10.36
N ALA A 195 -17.24 3.77 -10.19
CA ALA A 195 -18.44 4.52 -10.37
C ALA A 195 -18.98 4.37 -11.79
N ASN A 196 -18.07 4.16 -12.76
CA ASN A 196 -18.46 4.06 -14.18
C ASN A 196 -18.98 2.66 -14.53
N GLY A 197 -18.99 1.76 -13.57
CA GLY A 197 -19.54 0.43 -13.77
C GLY A 197 -18.50 -0.67 -13.81
N GLY A 198 -17.27 -0.32 -14.17
CA GLY A 198 -16.23 -1.31 -14.28
C GLY A 198 -15.97 -1.98 -12.95
N ALA A 199 -15.53 -3.22 -13.00
CA ALA A 199 -15.09 -3.93 -11.79
C ALA A 199 -13.76 -4.52 -12.13
N THR A 200 -12.84 -4.49 -11.18
CA THR A 200 -11.52 -5.08 -11.38
C THR A 200 -10.97 -5.59 -10.06
N VAL A 201 -10.15 -6.63 -10.14
CA VAL A 201 -9.37 -6.99 -8.99
C VAL A 201 -8.20 -6.02 -8.96
N ALA A 202 -7.61 -5.81 -7.79
CA ALA A 202 -6.50 -4.90 -7.71
C ALA A 202 -5.61 -5.31 -6.54
N LEU A 203 -4.39 -4.79 -6.55
CA LEU A 203 -3.53 -4.87 -5.34
C LEU A 203 -3.36 -3.48 -4.74
N LEU A 204 -3.55 -3.34 -3.42
CA LEU A 204 -3.40 -2.04 -2.82
C LEU A 204 -2.11 -1.96 -2.07
N PRO A 205 -1.18 -1.12 -2.47
CA PRO A 205 0.02 -0.83 -1.66
C PRO A 205 -0.40 -0.44 -0.27
N ALA A 206 0.03 -1.25 0.68
CA ALA A 206 -0.62 -1.27 1.99
C ALA A 206 0.15 -0.46 3.03
N ARG A 207 1.37 -0.06 2.71
CA ARG A 207 2.16 0.73 3.61
C ARG A 207 2.54 2.03 2.94
N TYR A 208 2.77 3.08 3.72
CA TYR A 208 3.25 4.34 3.13
C TYR A 208 4.60 4.14 2.47
N ALA A 209 4.83 4.86 1.38
CA ALA A 209 6.03 4.56 0.61
C ALA A 209 7.36 4.77 1.34
N GLU A 210 7.40 5.69 2.30
CA GLU A 210 8.61 5.96 3.08
C GLU A 210 8.85 4.90 4.16
N THR A 211 7.94 3.95 4.31
CA THR A 211 8.11 2.95 5.39
C THR A 211 9.41 2.12 5.29
N VAL A 212 9.79 1.74 4.07
CA VAL A 212 10.93 0.84 3.94
C VAL A 212 12.18 1.55 4.38
N GLU A 213 12.36 2.79 3.93
CA GLU A 213 13.61 3.47 4.20
C GLU A 213 13.62 4.09 5.59
N HIS A 214 12.48 4.58 6.05
CA HIS A 214 12.50 5.42 7.27
C HIS A 214 11.70 4.87 8.44
N GLY A 215 10.94 3.79 8.21
CA GLY A 215 10.26 3.15 9.31
C GLY A 215 11.12 2.19 10.09
N ASP A 216 10.55 1.62 11.15
CA ASP A 216 11.20 0.50 11.82
C ASP A 216 10.59 -0.83 11.37
N ASP A 217 11.08 -1.93 11.92
CA ASP A 217 10.54 -3.23 11.49
C ASP A 217 9.04 -3.32 11.72
N ALA A 218 8.57 -2.79 12.85
CA ALA A 218 7.15 -2.84 13.14
C ALA A 218 6.34 -2.08 12.08
N ALA A 219 6.83 -0.93 11.63
CA ALA A 219 6.13 -0.20 10.59
C ALA A 219 6.17 -0.97 9.26
N ARG A 220 7.31 -1.62 8.99
CA ARG A 220 7.40 -2.37 7.73
C ARG A 220 6.44 -3.55 7.75
N LEU A 221 6.17 -4.09 8.94
CA LEU A 221 5.20 -5.17 9.08
C LEU A 221 3.74 -4.68 9.21
N GLY A 222 3.52 -3.37 9.15
CA GLY A 222 2.16 -2.80 9.24
C GLY A 222 1.50 -2.91 10.61
N ARG A 223 2.32 -3.05 11.66
CA ARG A 223 1.85 -3.23 13.02
C ARG A 223 1.66 -1.91 13.75
N LYS A 224 2.02 -0.82 13.08
CA LYS A 224 1.73 0.52 13.60
C LYS A 224 1.61 1.49 12.45
N THR A 225 1.06 2.66 12.72
CA THR A 225 1.12 3.79 11.80
C THR A 225 1.63 4.97 12.60
N GLU A 226 2.60 5.71 12.07
CA GLU A 226 3.05 6.90 12.77
C GLU A 226 3.63 7.94 11.80
N TRP A 227 3.85 9.13 12.32
CA TRP A 227 4.36 10.22 11.49
C TRP A 227 5.78 10.55 11.94
N LEU A 228 6.69 10.74 10.99
CA LEU A 228 8.07 11.07 11.32
C LEU A 228 8.21 12.56 11.59
N ASP A 229 9.35 12.98 12.11
CA ASP A 229 9.55 14.39 12.39
C ASP A 229 9.41 15.20 11.13
N SER A 230 9.73 14.59 10.00
CA SER A 230 9.56 15.19 8.69
C SER A 230 8.10 15.41 8.30
N GLY A 231 7.18 14.85 9.08
CA GLY A 231 5.76 15.00 8.78
C GLY A 231 5.19 13.93 7.87
N LEU A 232 6.04 13.01 7.40
CA LEU A 232 5.58 11.97 6.48
C LEU A 232 5.16 10.74 7.29
N PRO A 233 4.13 10.02 6.83
CA PRO A 233 3.65 8.85 7.58
C PRO A 233 4.43 7.59 7.18
N VAL A 234 4.53 6.67 8.12
CA VAL A 234 5.12 5.36 7.83
C VAL A 234 4.24 4.31 8.48
N GLY A 235 4.35 3.08 8.01
CA GLY A 235 3.56 2.00 8.54
C GLY A 235 2.30 1.73 7.74
N GLN A 236 1.33 1.14 8.40
CA GLN A 236 0.10 0.72 7.76
C GLN A 236 -0.77 1.87 7.30
N ARG A 237 -1.26 1.77 6.07
CA ARG A 237 -2.25 2.73 5.55
C ARG A 237 -3.46 2.90 6.47
N LEU A 238 -3.81 4.17 6.66
CA LEU A 238 -4.90 4.57 7.53
C LEU A 238 -5.87 5.44 6.75
N PHE A 239 -7.15 5.13 6.84
CA PHE A 239 -8.18 6.03 6.28
C PHE A 239 -8.87 6.77 7.40
N VAL A 240 -9.17 8.03 7.15
CA VAL A 240 -9.82 8.84 8.16
C VAL A 240 -11.14 9.38 7.57
N THR A 241 -12.11 9.58 8.44
CA THR A 241 -13.43 10.13 8.05
C THR A 241 -13.75 11.24 9.00
N ASP A 242 -14.90 11.89 8.80
CA ASP A 242 -15.39 12.89 9.73
C ASP A 242 -15.71 12.30 11.11
N ALA A 243 -15.85 10.98 11.19
CA ALA A 243 -16.41 10.27 12.34
C ALA A 243 -15.47 9.29 13.04
N GLY A 244 -14.39 8.92 12.41
CA GLY A 244 -13.53 7.88 12.96
C GLY A 244 -12.42 7.57 11.97
N GLU A 245 -11.78 6.45 12.20
CA GLU A 245 -10.72 6.02 11.32
C GLU A 245 -10.68 4.52 11.24
N THR A 246 -10.18 4.05 10.10
CA THR A 246 -10.03 2.61 9.80
C THR A 246 -8.71 2.34 9.11
N ALA A 247 -7.92 1.45 9.69
CA ALA A 247 -6.70 1.00 9.04
C ALA A 247 -7.04 0.04 7.91
N LEU A 248 -6.23 0.07 6.84
CA LEU A 248 -6.49 -0.72 5.65
C LEU A 248 -6.66 -2.22 5.95
N PHE A 249 -5.78 -2.78 6.81
CA PHE A 249 -5.89 -4.24 7.10
C PHE A 249 -7.22 -4.61 7.77
N ASP A 250 -7.90 -3.62 8.38
CA ASP A 250 -9.14 -3.87 9.10
C ASP A 250 -10.40 -3.52 8.27
N LEU A 251 -10.17 -2.99 7.06
CA LEU A 251 -11.27 -2.59 6.18
C LEU A 251 -11.84 -3.84 5.53
N ARG A 252 -13.15 -3.97 5.41
CA ARG A 252 -13.69 -5.13 4.72
C ARG A 252 -14.54 -4.64 3.58
N GLU A 253 -15.52 -3.81 3.91
CA GLU A 253 -16.39 -3.24 2.86
C GLU A 253 -16.44 -1.72 2.97
N LEU A 254 -16.21 -1.08 1.84
CA LEU A 254 -16.34 0.37 1.74
C LEU A 254 -17.27 0.65 0.58
N ASP A 255 -18.27 1.50 0.79
CA ASP A 255 -19.22 1.83 -0.29
C ASP A 255 -19.40 3.35 -0.29
N PHE A 256 -19.41 3.94 -1.48
CA PHE A 256 -19.74 5.34 -1.64
C PHE A 256 -21.12 5.53 -2.24
N GLU A 257 -21.85 6.53 -1.73
CA GLU A 257 -23.14 6.89 -2.30
C GLU A 257 -22.95 7.52 -3.67
N PRO A 258 -23.77 7.12 -4.65
CA PRO A 258 -23.80 7.74 -5.97
C PRO A 258 -23.94 9.25 -5.88
N THR A 259 -23.23 9.95 -6.77
CA THR A 259 -23.22 11.41 -6.85
C THR A 259 -24.35 11.95 -7.72
N GLN B 8 -12.20 21.23 7.07
CA GLN B 8 -11.76 20.08 7.87
C GLN B 8 -11.83 18.80 7.04
N LYS B 9 -12.52 18.85 5.90
CA LYS B 9 -12.69 17.64 5.08
C LYS B 9 -11.36 17.04 4.67
N PHE B 10 -11.33 15.72 4.79
CA PHE B 10 -10.20 14.88 4.35
C PHE B 10 -8.98 14.98 5.27
N ILE B 11 -9.11 15.61 6.42
CA ILE B 11 -7.93 15.84 7.25
C ILE B 11 -7.96 14.97 8.49
N ALA B 12 -6.91 14.18 8.72
CA ALA B 12 -6.79 13.47 9.98
C ALA B 12 -6.57 14.46 11.11
N ARG B 13 -7.39 14.36 12.14
CA ARG B 13 -7.32 15.33 13.23
C ARG B 13 -6.18 15.01 14.20
N ASN B 14 -5.73 13.77 14.20
CA ASN B 14 -4.73 13.29 15.14
C ASN B 14 -3.56 12.65 14.39
N ARG B 15 -2.32 13.06 14.69
CA ARG B 15 -1.15 12.40 14.09
C ARG B 15 -0.27 11.71 15.13
N ALA B 16 -0.89 11.28 16.22
CA ALA B 16 -0.20 10.46 17.20
C ALA B 16 -0.03 9.06 16.63
N PRO B 17 0.98 8.33 17.11
CA PRO B 17 1.09 6.95 16.62
C PRO B 17 -0.14 6.09 16.89
N ARG B 18 -0.44 5.19 15.98
CA ARG B 18 -1.57 4.28 16.10
C ARG B 18 -1.10 2.86 16.35
N VAL B 19 -1.57 2.27 17.43
CA VAL B 19 -1.34 0.85 17.67
C VAL B 19 -2.35 0.11 16.80
N GLN B 20 -1.97 -1.04 16.25
CA GLN B 20 -2.84 -1.75 15.31
C GLN B 20 -3.04 -3.17 15.75
N ILE B 21 -4.11 -3.76 15.24
CA ILE B 21 -4.32 -5.20 15.29
C ILE B 21 -3.23 -5.87 14.48
N GLU B 22 -2.62 -6.91 15.04
CA GLU B 22 -1.61 -7.66 14.29
C GLU B 22 -2.24 -8.94 13.76
N TYR B 23 -1.85 -9.33 12.55
CA TYR B 23 -2.42 -10.50 11.87
C TYR B 23 -1.37 -11.59 11.74
N ASP B 24 -1.75 -12.81 12.07
CA ASP B 24 -0.89 -13.96 11.85
C ASP B 24 -1.02 -14.34 10.38
N VAL B 25 0.09 -14.34 9.64
CA VAL B 25 -0.05 -14.55 8.21
C VAL B 25 0.69 -15.81 7.83
N GLU B 26 0.28 -16.39 6.71
CA GLU B 26 0.93 -17.58 6.17
C GLU B 26 2.21 -17.21 5.46
N LEU B 27 3.17 -18.13 5.48
CA LEU B 27 4.50 -17.84 4.98
C LEU B 27 4.86 -18.65 3.75
N TYR B 28 4.19 -19.78 3.56
CA TYR B 28 4.67 -20.72 2.55
C TYR B 28 3.78 -20.93 1.33
N GLY B 29 2.65 -20.24 1.26
CA GLY B 29 1.68 -20.50 0.21
C GLY B 29 1.81 -19.61 -1.01
N ALA B 30 1.49 -20.13 -2.19
CA ALA B 30 1.55 -19.33 -3.41
C ALA B 30 0.27 -19.40 -4.23
N GLU B 31 -0.84 -19.72 -3.60
CA GLU B 31 -2.13 -19.69 -4.30
C GLU B 31 -3.23 -19.12 -3.39
#